data_4BHL
#
_entry.id   4BHL
#
_cell.length_a   56.368
_cell.length_b   70.338
_cell.length_c   82.054
_cell.angle_alpha   90.00
_cell.angle_beta   90.00
_cell.angle_gamma   90.00
#
_symmetry.space_group_name_H-M   'P 21 21 21'
#
loop_
_entity.id
_entity.type
_entity.pdbx_description
1 polymer 'ARGININE KINASE'
2 non-polymer ARGININE
3 non-polymer BETA-MERCAPTOETHANOL
4 water water
#
_entity_poly.entity_id   1
_entity_poly.type   'polypeptide(L)'
_entity_poly.pdbx_seq_one_letter_code
;MADAAVIEKLEAGFKKLEAATDCKSLLKKYLTKEVFDKLKDKRTSLGATLLDVIQSGVENLDSGVGIYAPDAEAYTLFAP
LFDPIIEDYHVGFKQTDKHPNKDFGDVNSFVNVDPEGKFVISTRVRCGRSMQGYPFNPCLTESQYKEMEAKVSSTLSSLE
GELKGTYYPLTGMSKEVQQKLIDDHFLFKEGDRFLQAANACRYWPAGRGIYHNDNKTFLVWVNEEDHLRIISMQMGGDLG
QVFRRLTSAVNEIEKRIPFSHHDRLGFLTFCPTNLGTTVRASVHIKLPKLAANEEKLEEVAGKYNLQVRGTRGEHTEAEG
GIYDISNKRRMGLTEFQAVKEMEDGILELIKIEKEM
;
_entity_poly.pdbx_strand_id   A
#
loop_
_chem_comp.id
_chem_comp.type
_chem_comp.name
_chem_comp.formula
BME non-polymer BETA-MERCAPTOETHANOL 'C2 H6 O S'
#
# COMPACT_ATOMS: atom_id res chain seq x y z
N MET A 1 31.27 1.59 -2.73
CA MET A 1 29.83 1.67 -2.63
C MET A 1 29.37 2.73 -1.65
N ALA A 2 28.84 2.28 -0.52
CA ALA A 2 28.31 3.16 0.46
C ALA A 2 29.43 3.91 1.19
N ASP A 3 29.18 5.15 1.54
CA ASP A 3 30.16 5.95 2.27
C ASP A 3 30.51 5.32 3.63
N ALA A 4 31.74 5.50 4.08
CA ALA A 4 32.18 5.00 5.38
C ALA A 4 31.25 5.39 6.53
N ALA A 5 30.73 6.61 6.49
CA ALA A 5 29.85 7.10 7.55
C ALA A 5 28.52 6.32 7.56
N VAL A 6 28.06 5.95 6.38
CA VAL A 6 26.85 5.13 6.24
C VAL A 6 27.06 3.73 6.81
N ILE A 7 28.19 3.13 6.46
CA ILE A 7 28.51 1.80 6.95
C ILE A 7 28.59 1.83 8.48
N GLU A 8 29.07 2.93 9.03
CA GLU A 8 29.19 3.08 10.47
C GLU A 8 27.81 3.06 11.14
N LYS A 9 26.88 3.85 10.61
CA LYS A 9 25.50 3.86 11.09
C LYS A 9 24.83 2.50 10.92
N LEU A 10 25.17 1.82 9.81
CA LEU A 10 24.70 0.45 9.60
C LEU A 10 25.19 -0.52 10.68
N GLU A 11 26.47 -0.46 11.02
CA GLU A 11 27.01 -1.28 12.09
C GLU A 11 26.26 -1.03 13.40
N ALA A 12 26.02 0.25 13.71
CA ALA A 12 25.32 0.59 14.94
C ALA A 12 23.88 0.08 14.86
N GLY A 13 23.28 0.12 13.68
CA GLY A 13 21.94 -0.37 13.50
C GLY A 13 21.82 -1.88 13.67
N PHE A 14 22.80 -2.60 13.14
CA PHE A 14 22.82 -4.03 13.32
C PHE A 14 22.92 -4.41 14.80
N LYS A 15 23.65 -3.64 15.54
CA LYS A 15 23.82 -3.85 16.95
C LYS A 15 22.59 -3.56 17.74
N LYS A 16 21.90 -2.51 17.37
CA LYS A 16 20.61 -2.21 17.94
C LYS A 16 19.61 -3.35 17.71
N LEU A 17 19.57 -3.88 16.52
CA LEU A 17 18.66 -4.98 16.22
C LEU A 17 19.01 -6.21 17.04
N GLU A 18 20.31 -6.41 17.28
CA GLU A 18 20.74 -7.51 18.14
C GLU A 18 20.41 -7.24 19.60
N ALA A 19 20.53 -5.97 20.00
CA ALA A 19 20.20 -5.57 21.36
C ALA A 19 18.73 -5.86 21.67
N ALA A 20 17.87 -5.51 20.72
CA ALA A 20 16.43 -5.71 20.86
C ALA A 20 16.08 -7.20 20.76
N THR A 21 16.30 -7.91 21.85
CA THR A 21 16.03 -9.33 21.93
C THR A 21 14.53 -9.60 21.76
N ASP A 22 13.72 -8.60 22.10
CA ASP A 22 12.27 -8.68 22.02
C ASP A 22 11.72 -8.47 20.60
N CYS A 23 12.56 -8.01 19.69
CA CYS A 23 12.11 -7.56 18.36
C CYS A 23 11.54 -8.70 17.50
N LYS A 24 10.41 -8.44 16.86
CA LYS A 24 9.75 -9.45 16.03
C LYS A 24 9.66 -9.09 14.55
N SER A 25 10.37 -8.06 14.12
CA SER A 25 10.25 -7.60 12.73
C SER A 25 10.86 -8.61 11.77
N LEU A 26 10.37 -8.64 10.54
CA LEU A 26 10.97 -9.50 9.54
C LEU A 26 12.40 -9.03 9.26
N LEU A 27 12.64 -7.73 9.39
CA LEU A 27 14.00 -7.19 9.25
C LEU A 27 14.96 -7.89 10.20
N LYS A 28 14.62 -7.92 11.48
CA LYS A 28 15.47 -8.59 12.46
C LYS A 28 15.62 -10.05 12.09
N LYS A 29 14.53 -10.66 11.64
CA LYS A 29 14.50 -12.09 11.38
C LYS A 29 15.47 -12.49 10.26
N TYR A 30 15.59 -11.64 9.24
CA TYR A 30 16.32 -12.02 8.02
C TYR A 30 17.62 -11.30 7.80
N LEU A 31 17.87 -10.25 8.59
CA LEU A 31 19.15 -9.56 8.53
C LEU A 31 20.16 -10.26 9.45
N THR A 32 20.56 -11.45 9.03
CA THR A 32 21.60 -12.21 9.72
C THR A 32 22.94 -11.49 9.55
N LYS A 33 23.92 -11.85 10.36
CA LYS A 33 25.23 -11.24 10.23
C LYS A 33 25.79 -11.48 8.82
N GLU A 34 25.57 -12.63 8.25
CA GLU A 34 26.04 -12.97 6.94
C GLU A 34 25.47 -12.03 5.88
N VAL A 35 24.15 -11.93 5.87
CA VAL A 35 23.51 -11.08 4.87
C VAL A 35 23.89 -9.62 5.07
N PHE A 36 24.00 -9.21 6.34
CA PHE A 36 24.37 -7.84 6.67
C PHE A 36 25.75 -7.51 6.11
N ASP A 37 26.70 -8.38 6.39
CA ASP A 37 28.06 -8.21 5.96
C ASP A 37 28.21 -8.12 4.44
N LYS A 38 27.43 -8.87 3.71
CA LYS A 38 27.51 -8.91 2.29
C LYS A 38 26.85 -7.71 1.61
N LEU A 39 25.90 -7.13 2.28
CA LEU A 39 25.13 -6.02 1.69
C LEU A 39 25.49 -4.64 2.18
N LYS A 40 26.16 -4.55 3.33
CA LYS A 40 26.29 -3.27 4.02
C LYS A 40 27.05 -2.18 3.28
N ASP A 41 27.95 -2.53 2.39
CA ASP A 41 28.66 -1.52 1.63
C ASP A 41 28.13 -1.29 0.21
N LYS A 42 27.09 -1.98 -0.21
CA LYS A 42 26.58 -1.89 -1.54
C LYS A 42 25.72 -0.64 -1.74
N ARG A 43 25.62 -0.20 -2.97
CA ARG A 43 24.88 0.99 -3.26
C ARG A 43 24.29 0.92 -4.70
N THR A 44 23.04 1.26 -4.86
CA THR A 44 22.43 1.24 -6.19
C THR A 44 23.04 2.34 -7.07
N SER A 45 22.80 2.26 -8.38
CA SER A 45 23.34 3.26 -9.30
C SER A 45 22.82 4.68 -9.01
N LEU A 46 21.68 4.77 -8.32
CA LEU A 46 21.15 6.07 -7.94
C LEU A 46 21.71 6.55 -6.59
N GLY A 47 22.35 5.65 -5.86
CA GLY A 47 22.99 6.02 -4.61
C GLY A 47 22.37 5.46 -3.35
N ALA A 48 21.37 4.58 -3.51
CA ALA A 48 20.66 4.04 -2.35
C ALA A 48 21.48 2.97 -1.66
N THR A 49 21.57 3.05 -0.33
CA THR A 49 22.38 2.12 0.44
C THR A 49 21.51 1.18 1.26
N LEU A 50 22.13 0.19 1.91
CA LEU A 50 21.39 -0.69 2.81
C LEU A 50 20.72 0.12 3.94
N LEU A 51 21.30 1.26 4.30
CA LEU A 51 20.74 2.10 5.34
C LEU A 51 19.41 2.70 4.87
N ASP A 52 19.36 3.07 3.60
CA ASP A 52 18.14 3.62 3.01
C ASP A 52 17.05 2.55 2.94
N VAL A 53 17.45 1.29 3.10
CA VAL A 53 16.50 0.17 3.10
C VAL A 53 15.99 -0.14 4.51
N ILE A 54 16.91 -0.23 5.48
CA ILE A 54 16.56 -0.78 6.78
C ILE A 54 16.41 0.25 7.90
N GLN A 55 16.69 1.52 7.61
CA GLN A 55 16.68 2.51 8.68
C GLN A 55 15.36 2.55 9.45
N SER A 56 14.24 2.44 8.74
CA SER A 56 12.95 2.53 9.42
C SER A 56 12.77 1.41 10.45
N GLY A 57 13.23 0.20 10.11
CA GLY A 57 13.12 -0.95 10.99
C GLY A 57 14.12 -0.90 12.13
N VAL A 58 15.23 -0.21 11.93
CA VAL A 58 16.20 0.01 13.00
C VAL A 58 15.67 1.03 14.01
N GLU A 59 15.10 2.12 13.48
CA GLU A 59 14.57 3.21 14.32
C GLU A 59 13.28 2.82 15.03
N ASN A 60 12.45 2.06 14.34
CA ASN A 60 11.19 1.62 14.92
C ASN A 60 11.26 0.12 15.10
N LEU A 61 11.71 -0.31 16.27
CA LEU A 61 11.93 -1.73 16.52
C LEU A 61 10.64 -2.52 16.49
N ASP A 62 9.52 -1.86 16.77
CA ASP A 62 8.21 -2.52 16.75
C ASP A 62 7.62 -2.66 15.35
N SER A 63 8.43 -2.38 14.34
CA SER A 63 8.02 -2.63 12.95
C SER A 63 7.64 -4.10 12.74
N GLY A 64 6.68 -4.35 11.85
CA GLY A 64 6.36 -5.74 11.52
C GLY A 64 7.33 -6.23 10.46
N VAL A 65 7.67 -5.35 9.54
CA VAL A 65 8.52 -5.69 8.40
C VAL A 65 9.83 -4.93 8.55
N GLY A 66 9.79 -3.60 8.49
CA GLY A 66 10.93 -2.79 8.84
C GLY A 66 11.89 -2.43 7.72
N ILE A 67 11.51 -2.71 6.48
CA ILE A 67 12.28 -2.24 5.34
C ILE A 67 11.41 -1.61 4.28
N TYR A 68 12.03 -0.78 3.45
CA TYR A 68 11.36 -0.16 2.30
C TYR A 68 12.35 -0.14 1.14
N ALA A 69 11.85 -0.05 -0.08
CA ALA A 69 12.74 0.06 -1.23
C ALA A 69 12.93 1.53 -1.61
N PRO A 70 14.18 2.01 -1.58
CA PRO A 70 14.40 3.41 -1.94
C PRO A 70 14.35 3.67 -3.45
N ASP A 71 14.69 2.67 -4.25
CA ASP A 71 14.48 2.75 -5.70
C ASP A 71 14.18 1.35 -6.19
N ALA A 72 13.85 1.20 -7.47
CA ALA A 72 13.46 -0.11 -7.99
C ALA A 72 14.65 -1.07 -7.93
N GLU A 73 15.83 -0.53 -8.20
CA GLU A 73 17.06 -1.33 -8.24
C GLU A 73 17.35 -2.03 -6.90
N ALA A 74 16.93 -1.39 -5.82
CA ALA A 74 17.11 -1.91 -4.47
C ALA A 74 16.52 -3.32 -4.30
N TYR A 75 15.38 -3.58 -4.95
CA TYR A 75 14.79 -4.90 -4.90
C TYR A 75 15.75 -5.96 -5.43
N THR A 76 16.56 -5.61 -6.43
CA THR A 76 17.53 -6.54 -6.98
C THR A 76 18.83 -6.56 -6.20
N LEU A 77 19.39 -5.38 -5.99
CA LEU A 77 20.69 -5.29 -5.31
C LEU A 77 20.65 -5.86 -3.89
N PHE A 78 19.56 -5.60 -3.18
CA PHE A 78 19.40 -6.08 -1.82
C PHE A 78 18.44 -7.28 -1.74
N ALA A 79 18.26 -7.97 -2.85
CA ALA A 79 17.49 -9.21 -2.89
C ALA A 79 17.77 -10.22 -1.77
N PRO A 80 19.04 -10.38 -1.34
CA PRO A 80 19.23 -11.35 -0.25
C PRO A 80 18.49 -11.02 1.06
N LEU A 81 18.07 -9.77 1.21
CA LEU A 81 17.26 -9.37 2.36
C LEU A 81 15.79 -9.25 1.93
N PHE A 82 15.54 -8.57 0.81
CA PHE A 82 14.17 -8.45 0.30
C PHE A 82 13.48 -9.77 0.01
N ASP A 83 14.16 -10.69 -0.68
CA ASP A 83 13.47 -11.92 -1.10
C ASP A 83 12.88 -12.77 0.05
N PRO A 84 13.67 -13.04 1.11
CA PRO A 84 13.06 -13.87 2.16
C PRO A 84 11.99 -13.10 2.95
N ILE A 85 12.16 -11.80 3.06
CA ILE A 85 11.16 -11.01 3.75
C ILE A 85 9.87 -11.02 2.95
N ILE A 86 10.00 -10.81 1.64
CA ILE A 86 8.85 -10.93 0.77
C ILE A 86 8.19 -12.32 0.87
N GLU A 87 9.01 -13.38 0.86
CA GLU A 87 8.48 -14.75 0.96
C GLU A 87 7.75 -14.96 2.28
N ASP A 88 8.31 -14.44 3.36
CA ASP A 88 7.75 -14.63 4.69
C ASP A 88 6.44 -13.84 4.83
N TYR A 89 6.49 -12.57 4.43
CA TYR A 89 5.31 -11.70 4.56
C TYR A 89 4.17 -12.19 3.66
N HIS A 90 4.47 -12.40 2.38
CA HIS A 90 3.44 -12.76 1.42
C HIS A 90 3.26 -14.26 1.36
N VAL A 91 2.62 -14.77 2.40
CA VAL A 91 2.48 -16.19 2.61
C VAL A 91 1.93 -16.90 1.38
N GLY A 92 2.68 -17.90 0.92
CA GLY A 92 2.26 -18.67 -0.22
C GLY A 92 2.82 -18.16 -1.53
N PHE A 93 3.45 -16.99 -1.51
CA PHE A 93 4.14 -16.52 -2.72
C PHE A 93 5.51 -17.16 -2.65
N LYS A 94 5.68 -18.23 -3.40
CA LYS A 94 6.84 -19.11 -3.25
C LYS A 94 8.01 -18.67 -4.11
N GLN A 95 9.18 -19.18 -3.77
CA GLN A 95 10.43 -18.90 -4.48
C GLN A 95 10.29 -19.14 -5.98
N THR A 96 9.55 -20.18 -6.34
CA THR A 96 9.39 -20.59 -7.74
C THR A 96 8.29 -19.81 -8.46
N ASP A 97 7.49 -19.07 -7.70
CA ASP A 97 6.38 -18.31 -8.27
C ASP A 97 6.86 -17.00 -8.89
N LYS A 98 6.09 -16.50 -9.86
CA LYS A 98 6.23 -15.12 -10.29
C LYS A 98 4.84 -14.50 -10.21
N HIS A 99 4.78 -13.23 -9.86
CA HIS A 99 3.50 -12.55 -9.81
C HIS A 99 2.95 -12.42 -11.22
N PRO A 100 1.67 -12.75 -11.41
CA PRO A 100 1.09 -12.71 -12.76
C PRO A 100 0.97 -11.28 -13.28
N ASN A 101 1.05 -11.14 -14.59
CA ASN A 101 0.73 -9.90 -15.24
C ASN A 101 -0.71 -9.38 -14.85
N LYS A 102 -0.90 -8.06 -14.93
CA LYS A 102 -2.18 -7.44 -14.61
C LYS A 102 -3.34 -8.13 -15.30
N ASP A 103 -4.39 -8.38 -14.53
CA ASP A 103 -5.61 -8.98 -15.05
C ASP A 103 -6.77 -8.60 -14.13
N PHE A 104 -7.51 -7.56 -14.51
CA PHE A 104 -8.65 -7.09 -13.73
C PHE A 104 -9.84 -8.05 -13.91
N GLY A 105 -9.77 -8.91 -14.92
CA GLY A 105 -10.81 -9.89 -15.17
C GLY A 105 -12.13 -9.22 -15.54
N ASP A 106 -13.24 -9.91 -15.32
CA ASP A 106 -14.58 -9.36 -15.58
C ASP A 106 -15.02 -8.49 -14.40
N VAL A 107 -14.77 -7.19 -14.46
CA VAL A 107 -14.90 -6.33 -13.28
C VAL A 107 -16.35 -6.14 -12.85
N ASN A 108 -17.27 -6.33 -13.78
CA ASN A 108 -18.68 -6.08 -13.52
C ASN A 108 -19.37 -7.30 -12.90
N SER A 109 -18.68 -8.43 -12.93
CA SER A 109 -19.24 -9.69 -12.47
C SER A 109 -19.30 -9.82 -10.94
N PHE A 110 -18.59 -8.95 -10.24
CA PHE A 110 -18.63 -8.98 -8.78
C PHE A 110 -19.98 -8.50 -8.26
N VAL A 111 -20.43 -9.07 -7.16
CA VAL A 111 -21.79 -8.84 -6.69
C VAL A 111 -21.84 -7.78 -5.60
N ASN A 112 -23.06 -7.38 -5.22
CA ASN A 112 -23.24 -6.61 -4.02
C ASN A 112 -23.28 -7.63 -2.88
N VAL A 113 -22.28 -7.60 -1.99
CA VAL A 113 -22.17 -8.60 -0.93
C VAL A 113 -23.17 -8.39 0.21
N ASP A 114 -23.90 -7.28 0.19
CA ASP A 114 -24.88 -6.97 1.23
C ASP A 114 -25.91 -6.02 0.64
N PRO A 115 -26.78 -6.54 -0.26
CA PRO A 115 -27.70 -5.67 -1.00
C PRO A 115 -28.64 -4.92 -0.05
N GLU A 116 -28.98 -5.54 1.07
CA GLU A 116 -29.86 -4.90 2.05
C GLU A 116 -29.19 -3.78 2.83
N GLY A 117 -27.86 -3.78 2.86
CA GLY A 117 -27.14 -2.78 3.64
C GLY A 117 -27.25 -2.99 5.14
N LYS A 118 -27.32 -4.26 5.57
CA LYS A 118 -27.48 -4.59 6.98
C LYS A 118 -26.16 -4.66 7.75
N PHE A 119 -25.07 -4.95 7.05
CA PHE A 119 -23.77 -5.13 7.69
C PHE A 119 -22.70 -4.20 7.16
N VAL A 120 -22.62 -4.08 5.84
CA VAL A 120 -21.56 -3.31 5.21
C VAL A 120 -21.95 -1.85 5.11
N ILE A 121 -21.21 -0.99 5.80
CA ILE A 121 -21.50 0.43 5.66
C ILE A 121 -20.90 0.98 4.38
N SER A 122 -19.73 0.49 3.99
CA SER A 122 -19.11 0.93 2.75
C SER A 122 -18.12 -0.07 2.16
N THR A 123 -17.87 0.06 0.88
CA THR A 123 -16.96 -0.83 0.14
C THR A 123 -15.94 0.00 -0.60
N ARG A 124 -14.67 -0.40 -0.52
CA ARG A 124 -13.60 0.38 -1.10
C ARG A 124 -12.57 -0.56 -1.73
N VAL A 125 -12.05 -0.20 -2.90
CA VAL A 125 -10.92 -0.92 -3.46
C VAL A 125 -9.82 0.08 -3.82
N ARG A 126 -8.62 -0.20 -3.32
CA ARG A 126 -7.50 0.67 -3.53
C ARG A 126 -6.37 -0.08 -4.20
N CYS A 127 -5.56 0.63 -4.96
CA CYS A 127 -4.29 0.08 -5.39
C CYS A 127 -3.24 1.15 -5.27
N GLY A 128 -2.01 0.81 -5.61
CA GLY A 128 -0.92 1.76 -5.56
C GLY A 128 -0.12 1.61 -6.84
N ARG A 129 0.51 2.70 -7.28
CA ARG A 129 1.35 2.65 -8.46
C ARG A 129 2.56 3.52 -8.22
N SER A 130 3.71 3.08 -8.71
CA SER A 130 4.83 3.97 -8.83
C SER A 130 4.88 4.37 -10.30
N MET A 131 5.35 5.60 -10.57
CA MET A 131 5.41 6.14 -11.91
C MET A 131 6.75 5.78 -12.55
N GLN A 132 6.67 5.20 -13.75
CA GLN A 132 7.86 4.79 -14.48
C GLN A 132 8.74 6.02 -14.66
N GLY A 133 10.05 5.85 -14.43
CA GLY A 133 11.01 6.92 -14.57
C GLY A 133 11.36 7.65 -13.27
N TYR A 134 10.60 7.36 -12.20
CA TYR A 134 10.84 8.00 -10.91
C TYR A 134 11.12 6.96 -9.83
N PRO A 135 12.14 7.19 -9.01
CA PRO A 135 12.40 6.27 -7.91
C PRO A 135 11.42 6.50 -6.76
N PHE A 136 11.58 5.77 -5.65
CA PHE A 136 10.67 5.92 -4.53
C PHE A 136 11.09 7.09 -3.64
N ASN A 137 10.21 7.47 -2.71
CA ASN A 137 10.40 8.65 -1.84
C ASN A 137 11.82 9.07 -1.43
N PRO A 138 12.62 8.16 -0.82
CA PRO A 138 13.91 8.62 -0.31
C PRO A 138 14.92 9.02 -1.39
N CYS A 139 14.67 8.65 -2.64
CA CYS A 139 15.61 8.95 -3.73
C CYS A 139 15.06 10.05 -4.62
N LEU A 140 13.89 10.59 -4.28
CA LEU A 140 13.33 11.65 -5.11
C LEU A 140 13.95 13.02 -4.78
N THR A 141 14.25 13.80 -5.81
CA THR A 141 14.63 15.19 -5.58
C THR A 141 13.37 16.05 -5.44
N GLU A 142 13.52 17.26 -4.91
CA GLU A 142 12.39 18.19 -4.80
C GLU A 142 11.79 18.41 -6.18
N SER A 143 12.65 18.59 -7.18
CA SER A 143 12.18 18.86 -8.52
C SER A 143 11.36 17.69 -9.06
N GLN A 144 11.77 16.46 -8.78
CA GLN A 144 10.99 15.30 -9.22
C GLN A 144 9.61 15.27 -8.54
N TYR A 145 9.57 15.50 -7.23
CA TYR A 145 8.29 15.62 -6.53
C TYR A 145 7.34 16.59 -7.22
N LYS A 146 7.86 17.75 -7.61
CA LYS A 146 7.02 18.78 -8.23
C LYS A 146 6.63 18.44 -9.66
N GLU A 147 7.55 17.87 -10.41
CA GLU A 147 7.27 17.46 -11.78
C GLU A 147 6.23 16.34 -11.78
N MET A 148 6.36 15.42 -10.83
CA MET A 148 5.37 14.34 -10.71
C MET A 148 4.01 14.93 -10.38
N GLU A 149 3.98 15.85 -9.42
CA GLU A 149 2.74 16.52 -9.07
C GLU A 149 2.11 17.19 -10.29
N ALA A 150 2.93 17.89 -11.09
CA ALA A 150 2.41 18.57 -12.28
C ALA A 150 1.79 17.59 -13.28
N LYS A 151 2.49 16.49 -13.57
CA LYS A 151 1.97 15.47 -14.47
C LYS A 151 0.70 14.82 -13.94
N VAL A 152 0.70 14.45 -12.66
CA VAL A 152 -0.48 13.78 -12.09
C VAL A 152 -1.66 14.74 -12.03
N SER A 153 -1.42 15.96 -11.57
CA SER A 153 -2.47 16.96 -11.46
C SER A 153 -3.11 17.21 -12.83
N SER A 154 -2.28 17.32 -13.84
CA SER A 154 -2.76 17.58 -15.20
C SER A 154 -3.56 16.40 -15.74
N THR A 155 -3.07 15.18 -15.49
CA THR A 155 -3.80 13.98 -15.89
C THR A 155 -5.16 13.84 -15.19
N LEU A 156 -5.15 13.91 -13.86
CA LEU A 156 -6.37 13.74 -13.09
C LEU A 156 -7.39 14.83 -13.41
N SER A 157 -6.92 16.06 -13.62
CA SER A 157 -7.80 17.20 -13.85
C SER A 157 -8.42 17.17 -15.25
N SER A 158 -7.91 16.26 -16.09
CA SER A 158 -8.48 16.08 -17.41
C SER A 158 -9.44 14.87 -17.48
N LEU A 159 -9.63 14.18 -16.36
CA LEU A 159 -10.60 13.09 -16.29
C LEU A 159 -12.01 13.61 -16.49
N GLU A 160 -12.85 12.83 -17.16
CA GLU A 160 -14.21 13.25 -17.46
C GLU A 160 -15.25 12.25 -16.96
N GLY A 161 -16.51 12.61 -17.09
CA GLY A 161 -17.59 11.74 -16.67
C GLY A 161 -17.55 11.51 -15.17
N GLU A 162 -17.76 10.25 -14.79
CA GLU A 162 -17.81 9.84 -13.39
C GLU A 162 -16.58 10.30 -12.61
N LEU A 163 -15.44 10.38 -13.28
CA LEU A 163 -14.18 10.63 -12.61
C LEU A 163 -13.84 12.11 -12.51
N LYS A 164 -14.65 12.96 -13.14
CA LYS A 164 -14.41 14.40 -13.12
C LYS A 164 -14.40 14.92 -11.70
N GLY A 165 -13.45 15.80 -11.39
CA GLY A 165 -13.28 16.24 -10.02
C GLY A 165 -12.25 17.34 -9.85
N THR A 166 -11.67 17.39 -8.67
CA THR A 166 -10.83 18.51 -8.25
C THR A 166 -9.52 18.01 -7.67
N TYR A 167 -8.42 18.60 -8.11
CA TYR A 167 -7.13 18.34 -7.50
C TYR A 167 -6.77 19.42 -6.49
N TYR A 168 -6.27 19.02 -5.33
CA TYR A 168 -5.85 19.95 -4.29
C TYR A 168 -4.42 19.65 -3.86
N PRO A 169 -3.49 20.56 -4.13
CA PRO A 169 -2.13 20.33 -3.66
C PRO A 169 -2.09 20.56 -2.15
N LEU A 170 -1.24 19.83 -1.44
CA LEU A 170 -1.18 20.03 0.01
C LEU A 170 -0.47 21.35 0.34
N THR A 171 0.49 21.71 -0.51
CA THR A 171 1.28 22.91 -0.29
C THR A 171 0.38 24.14 -0.27
N GLY A 172 0.44 24.92 0.81
CA GLY A 172 -0.35 26.13 0.91
C GLY A 172 -1.84 25.98 1.15
N MET A 173 -2.32 24.74 1.30
CA MET A 173 -3.74 24.49 1.56
C MET A 173 -4.25 25.19 2.82
N SER A 174 -5.39 25.87 2.71
CA SER A 174 -5.93 26.61 3.85
C SER A 174 -6.56 25.67 4.86
N LYS A 175 -6.76 26.17 6.08
CA LYS A 175 -7.41 25.38 7.12
C LYS A 175 -8.84 25.03 6.73
N GLU A 176 -9.51 25.94 6.03
CA GLU A 176 -10.90 25.71 5.63
C GLU A 176 -11.02 24.53 4.65
N VAL A 177 -10.11 24.47 3.68
CA VAL A 177 -10.10 23.37 2.72
C VAL A 177 -9.70 22.08 3.43
N GLN A 178 -8.79 22.19 4.38
CA GLN A 178 -8.38 21.05 5.18
C GLN A 178 -9.55 20.46 5.96
N GLN A 179 -10.37 21.32 6.56
CA GLN A 179 -11.52 20.86 7.32
C GLN A 179 -12.52 20.15 6.40
N LYS A 180 -12.75 20.73 5.23
CA LYS A 180 -13.70 20.15 4.28
C LYS A 180 -13.26 18.74 3.86
N LEU A 181 -11.97 18.60 3.56
CA LEU A 181 -11.42 17.31 3.13
C LEU A 181 -11.38 16.33 4.30
N ILE A 182 -11.04 16.81 5.48
CA ILE A 182 -11.07 15.99 6.67
C ILE A 182 -12.48 15.44 6.93
N ASP A 183 -13.48 16.31 6.83
CA ASP A 183 -14.88 15.90 7.03
C ASP A 183 -15.30 14.77 6.10
N ASP A 184 -14.72 14.72 4.91
CA ASP A 184 -14.98 13.64 3.96
C ASP A 184 -13.97 12.48 4.11
N HIS A 185 -13.07 12.61 5.09
CA HIS A 185 -11.98 11.66 5.27
C HIS A 185 -11.14 11.52 4.01
N PHE A 186 -10.94 12.62 3.31
CA PHE A 186 -10.13 12.63 2.10
C PHE A 186 -8.69 13.06 2.34
N LEU A 187 -8.40 13.68 3.48
CA LEU A 187 -7.07 14.27 3.64
C LEU A 187 -6.11 13.32 4.32
N PHE A 188 -4.87 13.27 3.82
CA PHE A 188 -3.83 12.53 4.52
C PHE A 188 -2.87 13.51 5.15
N LYS A 189 -2.16 13.04 6.16
CA LYS A 189 -1.25 13.90 6.90
C LYS A 189 0.19 13.54 6.58
N GLU A 190 1.12 14.35 7.06
CA GLU A 190 2.54 14.02 6.96
C GLU A 190 2.76 12.62 7.58
N GLY A 191 3.66 11.84 6.97
CA GLY A 191 3.88 10.46 7.35
C GLY A 191 4.33 10.26 8.78
N ASP A 192 3.98 9.11 9.35
CA ASP A 192 4.31 8.81 10.74
C ASP A 192 5.78 8.41 10.91
N ARG A 193 6.14 8.00 12.12
CA ARG A 193 7.52 7.63 12.44
C ARG A 193 8.10 6.55 11.51
N PHE A 194 7.27 5.61 11.08
CA PHE A 194 7.78 4.56 10.19
C PHE A 194 8.21 5.17 8.86
N LEU A 195 7.41 6.11 8.36
CA LEU A 195 7.72 6.75 7.09
C LEU A 195 8.84 7.79 7.26
N GLN A 196 8.82 8.52 8.36
CA GLN A 196 9.86 9.52 8.63
C GLN A 196 11.24 8.86 8.64
N ALA A 197 11.36 7.77 9.40
CA ALA A 197 12.64 7.09 9.54
C ALA A 197 13.05 6.36 8.25
N ALA A 198 12.12 6.23 7.30
CA ALA A 198 12.46 5.69 5.98
C ALA A 198 12.85 6.82 5.01
N ASN A 199 12.93 8.03 5.54
CA ASN A 199 13.13 9.23 4.72
C ASN A 199 12.12 9.36 3.58
N ALA A 200 10.89 9.03 3.90
CA ALA A 200 9.80 9.01 2.94
C ALA A 200 9.10 10.36 2.84
N CYS A 201 9.40 11.25 3.78
CA CYS A 201 8.68 12.53 3.83
C CYS A 201 9.53 13.77 3.59
N ARG A 202 10.66 13.61 2.89
CA ARG A 202 11.49 14.77 2.57
C ARG A 202 10.72 15.82 1.77
N TYR A 203 10.95 17.08 2.12
CA TYR A 203 10.37 18.22 1.40
C TYR A 203 8.85 18.34 1.58
N TRP A 204 8.26 17.55 2.46
CA TRP A 204 6.82 17.66 2.71
C TRP A 204 6.43 19.12 3.01
N PRO A 205 5.35 19.62 2.41
CA PRO A 205 4.35 18.98 1.52
C PRO A 205 4.61 19.09 0.00
N ALA A 206 5.82 19.46 -0.41
CA ALA A 206 6.11 19.64 -1.82
C ALA A 206 5.76 18.41 -2.66
N GLY A 207 4.95 18.61 -3.69
CA GLY A 207 4.58 17.54 -4.59
C GLY A 207 3.51 16.60 -4.06
N ARG A 208 2.97 16.88 -2.88
CA ARG A 208 1.94 16.03 -2.29
C ARG A 208 0.59 16.64 -2.59
N GLY A 209 -0.42 15.79 -2.82
CA GLY A 209 -1.73 16.31 -3.21
C GLY A 209 -2.83 15.29 -3.12
N ILE A 210 -4.07 15.74 -3.24
CA ILE A 210 -5.22 14.85 -3.19
C ILE A 210 -6.17 15.22 -4.31
N TYR A 211 -6.80 14.21 -4.88
CA TYR A 211 -7.81 14.42 -5.91
C TYR A 211 -9.05 13.63 -5.52
N HIS A 212 -10.23 14.20 -5.75
CA HIS A 212 -11.45 13.41 -5.64
C HIS A 212 -12.43 13.80 -6.74
N ASN A 213 -13.35 12.89 -7.07
CA ASN A 213 -14.34 13.21 -8.09
C ASN A 213 -15.52 13.89 -7.45
N ASP A 214 -16.37 14.50 -8.27
CA ASP A 214 -17.55 15.21 -7.77
C ASP A 214 -18.43 14.32 -6.89
N ASN A 215 -18.60 13.08 -7.31
CA ASN A 215 -19.46 12.14 -6.60
C ASN A 215 -18.92 11.65 -5.25
N LYS A 216 -17.64 11.90 -5.01
CA LYS A 216 -16.97 11.44 -3.80
C LYS A 216 -16.97 9.91 -3.70
N THR A 217 -16.69 9.28 -4.85
CA THR A 217 -16.56 7.83 -4.93
C THR A 217 -15.19 7.44 -5.46
N PHE A 218 -14.34 8.45 -5.66
CA PHE A 218 -13.02 8.26 -6.24
C PHE A 218 -12.04 9.21 -5.60
N LEU A 219 -10.92 8.67 -5.12
CA LEU A 219 -9.95 9.42 -4.34
C LEU A 219 -8.53 9.00 -4.73
N VAL A 220 -7.66 9.97 -4.97
CA VAL A 220 -6.25 9.68 -5.23
C VAL A 220 -5.37 10.49 -4.31
N TRP A 221 -4.42 9.81 -3.68
CA TRP A 221 -3.39 10.50 -2.90
C TRP A 221 -2.13 10.51 -3.71
N VAL A 222 -1.51 11.68 -3.83
CA VAL A 222 -0.28 11.80 -4.59
C VAL A 222 0.92 11.98 -3.65
N ASN A 223 1.87 11.05 -3.74
CA ASN A 223 3.12 11.11 -2.97
C ASN A 223 2.97 11.04 -1.46
N GLU A 224 1.98 10.29 -0.99
CA GLU A 224 1.81 10.00 0.42
C GLU A 224 2.82 8.97 0.90
N GLU A 225 2.70 7.73 0.43
CA GLU A 225 3.70 6.69 0.70
C GLU A 225 4.22 6.17 -0.64
N ASP A 226 3.29 5.89 -1.54
CA ASP A 226 3.67 5.61 -2.92
C ASP A 226 3.35 6.84 -3.76
N HIS A 227 3.91 6.90 -4.97
CA HIS A 227 3.57 7.99 -5.89
C HIS A 227 2.06 8.19 -6.02
N LEU A 228 1.36 7.10 -6.26
CA LEU A 228 -0.10 7.16 -6.43
C LEU A 228 -0.76 6.12 -5.54
N ARG A 229 -1.76 6.55 -4.77
CA ARG A 229 -2.63 5.62 -4.08
C ARG A 229 -4.01 5.90 -4.65
N ILE A 230 -4.59 4.91 -5.30
CA ILE A 230 -5.79 5.13 -6.09
C ILE A 230 -6.95 4.34 -5.50
N ILE A 231 -8.04 5.02 -5.19
CA ILE A 231 -9.10 4.45 -4.36
C ILE A 231 -10.50 4.71 -4.91
N SER A 232 -11.29 3.65 -5.00
CA SER A 232 -12.71 3.76 -5.38
C SER A 232 -13.51 3.29 -4.17
N MET A 233 -14.58 4.01 -3.84
CA MET A 233 -15.36 3.69 -2.65
C MET A 233 -16.80 4.17 -2.80
N GLN A 234 -17.71 3.52 -2.10
CA GLN A 234 -19.08 4.00 -2.06
C GLN A 234 -19.80 3.37 -0.89
N MET A 235 -20.93 3.95 -0.51
CA MET A 235 -21.72 3.38 0.57
C MET A 235 -22.32 2.07 0.10
N GLY A 236 -22.58 1.17 1.04
CA GLY A 236 -23.17 -0.11 0.72
C GLY A 236 -22.15 -1.13 0.25
N GLY A 237 -22.62 -2.21 -0.35
CA GLY A 237 -21.75 -3.35 -0.63
C GLY A 237 -21.53 -3.74 -2.08
N ASP A 238 -21.79 -2.83 -3.02
CA ASP A 238 -21.67 -3.19 -4.43
C ASP A 238 -20.20 -3.20 -4.90
N LEU A 239 -19.53 -4.33 -4.68
CA LEU A 239 -18.13 -4.48 -5.02
C LEU A 239 -17.88 -4.39 -6.53
N GLY A 240 -18.86 -4.85 -7.32
CA GLY A 240 -18.79 -4.70 -8.76
C GLY A 240 -18.65 -3.25 -9.23
N GLN A 241 -19.57 -2.40 -8.77
CA GLN A 241 -19.52 -0.97 -9.04
C GLN A 241 -18.19 -0.37 -8.61
N VAL A 242 -17.76 -0.72 -7.41
CA VAL A 242 -16.54 -0.12 -6.89
C VAL A 242 -15.33 -0.50 -7.75
N PHE A 243 -15.19 -1.80 -8.03
CA PHE A 243 -14.03 -2.29 -8.76
C PHE A 243 -14.02 -1.79 -10.20
N ARG A 244 -15.19 -1.74 -10.82
CA ARG A 244 -15.30 -1.20 -12.18
C ARG A 244 -14.78 0.23 -12.24
N ARG A 245 -15.17 1.05 -11.27
CA ARG A 245 -14.74 2.44 -11.22
C ARG A 245 -13.23 2.53 -11.05
N LEU A 246 -12.69 1.74 -10.13
CA LEU A 246 -11.25 1.74 -9.89
C LEU A 246 -10.48 1.37 -11.15
N THR A 247 -10.89 0.28 -11.79
CA THR A 247 -10.15 -0.21 -12.95
C THR A 247 -10.23 0.78 -14.10
N SER A 248 -11.40 1.38 -14.27
CA SER A 248 -11.58 2.40 -15.29
C SER A 248 -10.58 3.51 -15.06
N ALA A 249 -10.48 3.95 -13.81
CA ALA A 249 -9.63 5.08 -13.47
C ALA A 249 -8.15 4.71 -13.68
N VAL A 250 -7.75 3.53 -13.21
CA VAL A 250 -6.36 3.11 -13.34
C VAL A 250 -5.95 2.98 -14.81
N ASN A 251 -6.83 2.38 -15.61
CA ASN A 251 -6.61 2.30 -17.05
C ASN A 251 -6.49 3.68 -17.72
N GLU A 252 -7.38 4.60 -17.35
CA GLU A 252 -7.31 5.97 -17.88
C GLU A 252 -6.01 6.67 -17.50
N ILE A 253 -5.58 6.49 -16.25
CA ILE A 253 -4.36 7.14 -15.81
C ILE A 253 -3.17 6.59 -16.57
N GLU A 254 -3.16 5.28 -16.78
CA GLU A 254 -2.04 4.60 -17.40
C GLU A 254 -1.80 5.08 -18.84
N LYS A 255 -2.87 5.50 -19.51
CA LYS A 255 -2.74 6.02 -20.87
C LYS A 255 -1.77 7.19 -20.89
N ARG A 256 -1.73 7.96 -19.80
CA ARG A 256 -0.88 9.14 -19.74
C ARG A 256 0.34 8.97 -18.85
N ILE A 257 0.25 8.07 -17.87
CA ILE A 257 1.35 7.87 -16.92
C ILE A 257 1.67 6.39 -16.81
N PRO A 258 2.77 5.95 -17.43
CA PRO A 258 3.16 4.53 -17.34
C PRO A 258 3.65 4.18 -15.95
N PHE A 259 3.44 2.94 -15.53
CA PHE A 259 3.75 2.51 -14.18
C PHE A 259 4.98 1.62 -14.10
N SER A 260 5.67 1.68 -12.97
CA SER A 260 6.82 0.84 -12.70
C SER A 260 6.33 -0.57 -12.35
N HIS A 261 6.91 -1.57 -13.00
CA HIS A 261 6.44 -2.94 -12.88
C HIS A 261 7.60 -3.92 -13.01
N HIS A 262 7.46 -5.09 -12.41
CA HIS A 262 8.56 -6.05 -12.33
C HIS A 262 8.03 -7.43 -12.70
N ASP A 263 8.83 -8.20 -13.45
CA ASP A 263 8.38 -9.50 -13.93
C ASP A 263 8.00 -10.47 -12.82
N ARG A 264 8.73 -10.42 -11.72
CA ARG A 264 8.46 -11.33 -10.63
C ARG A 264 7.60 -10.71 -9.52
N LEU A 265 7.89 -9.45 -9.24
CA LEU A 265 7.27 -8.77 -8.10
C LEU A 265 5.97 -8.04 -8.40
N GLY A 266 5.63 -7.92 -9.67
CA GLY A 266 4.40 -7.20 -10.03
C GLY A 266 4.62 -5.70 -9.95
N PHE A 267 3.57 -4.96 -9.63
CA PHE A 267 3.69 -3.50 -9.54
C PHE A 267 4.57 -3.14 -8.36
N LEU A 268 5.60 -2.34 -8.63
CA LEU A 268 6.57 -2.04 -7.58
C LEU A 268 6.05 -0.93 -6.67
N THR A 269 6.22 -1.13 -5.37
CA THR A 269 5.75 -0.19 -4.38
C THR A 269 6.86 0.07 -3.37
N PHE A 270 6.70 1.14 -2.61
CA PHE A 270 7.73 1.61 -1.69
C PHE A 270 7.90 0.59 -0.57
N CYS A 271 6.79 0.13 -0.03
CA CYS A 271 6.82 -0.93 0.98
C CYS A 271 6.58 -2.28 0.30
N PRO A 272 7.41 -3.27 0.64
CA PRO A 272 7.22 -4.56 -0.02
C PRO A 272 5.90 -5.24 0.39
N THR A 273 5.24 -4.77 1.44
CA THR A 273 3.94 -5.35 1.77
C THR A 273 2.90 -5.03 0.71
N ASN A 274 3.19 -4.06 -0.15
CA ASN A 274 2.21 -3.59 -1.14
C ASN A 274 2.43 -4.06 -2.57
N LEU A 275 3.33 -5.03 -2.75
CA LEU A 275 3.74 -5.49 -4.08
C LEU A 275 2.66 -6.31 -4.78
N GLY A 276 2.99 -6.86 -5.94
CA GLY A 276 2.05 -7.73 -6.63
C GLY A 276 0.94 -6.95 -7.29
N THR A 277 -0.30 -7.26 -6.89
CA THR A 277 -1.46 -6.49 -7.34
C THR A 277 -1.53 -5.12 -6.69
N THR A 278 -0.91 -4.98 -5.51
CA THR A 278 -1.05 -3.80 -4.63
C THR A 278 -2.48 -3.64 -4.08
N VAL A 279 -3.38 -4.56 -4.43
CA VAL A 279 -4.80 -4.34 -4.21
C VAL A 279 -5.24 -4.58 -2.78
N ARG A 280 -5.99 -3.62 -2.24
CA ARG A 280 -6.62 -3.80 -0.95
C ARG A 280 -8.10 -3.49 -1.13
N ALA A 281 -8.89 -4.55 -1.27
CA ALA A 281 -10.33 -4.48 -1.41
C ALA A 281 -10.93 -4.68 -0.03
N SER A 282 -11.70 -3.72 0.45
CA SER A 282 -12.19 -3.84 1.82
C SER A 282 -13.65 -3.42 1.97
N VAL A 283 -14.28 -3.92 3.02
CA VAL A 283 -15.54 -3.37 3.48
C VAL A 283 -15.33 -2.78 4.86
N HIS A 284 -16.08 -1.73 5.17
CA HIS A 284 -16.26 -1.36 6.57
C HIS A 284 -17.57 -2.02 6.95
N ILE A 285 -17.51 -2.91 7.93
CA ILE A 285 -18.62 -3.84 8.14
C ILE A 285 -18.86 -4.01 9.62
N LYS A 286 -20.12 -4.10 9.99
CA LYS A 286 -20.48 -4.30 11.38
C LYS A 286 -20.93 -5.74 11.58
N LEU A 287 -20.23 -6.46 12.44
CA LEU A 287 -20.52 -7.86 12.71
C LEU A 287 -20.53 -8.07 14.21
N PRO A 288 -21.60 -7.58 14.89
CA PRO A 288 -21.64 -7.56 16.36
C PRO A 288 -21.48 -8.92 17.03
N LYS A 289 -22.06 -9.97 16.46
CA LYS A 289 -21.97 -11.30 17.06
C LYS A 289 -20.58 -11.90 16.93
N LEU A 290 -20.00 -11.82 15.74
CA LEU A 290 -18.71 -12.44 15.45
C LEU A 290 -17.62 -11.66 16.17
N ALA A 291 -17.90 -10.40 16.47
CA ALA A 291 -16.95 -9.53 17.16
C ALA A 291 -17.05 -9.61 18.67
N ALA A 292 -17.93 -10.46 19.18
CA ALA A 292 -18.03 -10.65 20.62
C ALA A 292 -16.73 -11.28 21.11
N ASN A 293 -16.13 -12.10 20.25
CA ASN A 293 -14.83 -12.71 20.53
C ASN A 293 -13.87 -12.34 19.41
N GLU A 294 -13.08 -11.29 19.64
CA GLU A 294 -12.16 -10.78 18.64
C GLU A 294 -11.24 -11.86 18.06
N GLU A 295 -10.78 -12.78 18.92
CA GLU A 295 -9.92 -13.87 18.49
C GLU A 295 -10.62 -14.82 17.51
N LYS A 296 -11.92 -15.05 17.72
CA LYS A 296 -12.71 -15.85 16.80
C LYS A 296 -12.86 -15.18 15.44
N LEU A 297 -13.19 -13.89 15.45
CA LEU A 297 -13.29 -13.10 14.22
C LEU A 297 -12.00 -13.21 13.43
N GLU A 298 -10.86 -13.03 14.12
CA GLU A 298 -9.55 -13.09 13.48
C GLU A 298 -9.31 -14.46 12.85
N GLU A 299 -9.65 -15.51 13.57
CA GLU A 299 -9.48 -16.87 13.07
C GLU A 299 -10.31 -17.12 11.81
N VAL A 300 -11.58 -16.76 11.88
CA VAL A 300 -12.50 -16.94 10.76
C VAL A 300 -12.08 -16.12 9.55
N ALA A 301 -11.71 -14.87 9.77
CA ALA A 301 -11.23 -14.04 8.67
C ALA A 301 -10.03 -14.69 7.98
N GLY A 302 -9.04 -15.08 8.78
CA GLY A 302 -7.83 -15.70 8.27
C GLY A 302 -8.10 -16.96 7.48
N LYS A 303 -9.05 -17.76 7.95
CA LYS A 303 -9.47 -18.95 7.21
C LYS A 303 -9.87 -18.61 5.77
N TYR A 304 -10.54 -17.48 5.59
CA TYR A 304 -10.99 -17.07 4.25
C TYR A 304 -10.07 -16.02 3.61
N ASN A 305 -8.81 -16.06 4.02
CA ASN A 305 -7.77 -15.11 3.58
C ASN A 305 -8.21 -13.64 3.66
N LEU A 306 -8.80 -13.27 4.78
CA LEU A 306 -9.15 -11.87 5.05
C LEU A 306 -8.31 -11.34 6.19
N GLN A 307 -8.09 -10.04 6.18
CA GLN A 307 -7.37 -9.35 7.24
C GLN A 307 -8.32 -8.37 7.93
N VAL A 308 -8.25 -8.31 9.25
CA VAL A 308 -9.13 -7.44 10.03
C VAL A 308 -8.36 -6.25 10.59
N ARG A 309 -8.86 -5.04 10.31
CA ARG A 309 -8.22 -3.82 10.81
C ARG A 309 -9.23 -2.80 11.33
N GLY A 310 -8.73 -1.72 11.93
CA GLY A 310 -9.58 -0.65 12.40
C GLY A 310 -10.07 0.18 11.23
N THR A 311 -11.16 0.91 11.43
CA THR A 311 -11.72 1.75 10.38
C THR A 311 -13.08 2.29 10.78
N GLY A 320 -16.56 0.54 17.61
CA GLY A 320 -18.00 0.48 17.57
C GLY A 320 -18.49 -0.80 16.90
N GLY A 321 -17.62 -1.80 16.89
CA GLY A 321 -17.91 -3.05 16.22
C GLY A 321 -17.83 -2.91 14.70
N ILE A 322 -17.23 -1.83 14.23
CA ILE A 322 -17.04 -1.64 12.80
C ILE A 322 -15.60 -1.98 12.41
N TYR A 323 -15.45 -2.93 11.50
CA TYR A 323 -14.13 -3.39 11.12
C TYR A 323 -13.84 -3.12 9.65
N ASP A 324 -12.58 -2.85 9.35
CA ASP A 324 -12.14 -2.86 7.97
C ASP A 324 -11.67 -4.30 7.73
N ILE A 325 -12.38 -4.99 6.85
CA ILE A 325 -12.01 -6.35 6.51
C ILE A 325 -11.67 -6.42 5.03
N SER A 326 -10.47 -6.91 4.72
CA SER A 326 -9.93 -6.86 3.37
C SER A 326 -9.26 -8.15 2.94
N ASN A 327 -9.01 -8.31 1.64
CA ASN A 327 -8.23 -9.44 1.19
C ASN A 327 -6.84 -9.37 1.79
N LYS A 328 -6.38 -10.52 2.26
CA LYS A 328 -5.07 -10.60 2.89
C LYS A 328 -3.96 -10.74 1.83
N ARG A 329 -4.28 -11.41 0.73
CA ARG A 329 -3.26 -11.69 -0.30
C ARG A 329 -3.11 -10.56 -1.32
N ARG A 330 -1.86 -10.25 -1.66
CA ARG A 330 -1.53 -9.21 -2.61
C ARG A 330 -0.71 -9.77 -3.75
N MET A 331 0.18 -10.72 -3.44
CA MET A 331 1.07 -11.32 -4.44
C MET A 331 0.69 -12.75 -4.79
N GLY A 332 0.97 -13.14 -6.03
CA GLY A 332 0.77 -14.51 -6.49
C GLY A 332 -0.66 -14.79 -6.90
N LEU A 333 -1.40 -13.74 -7.18
CA LEU A 333 -2.78 -13.87 -7.64
C LEU A 333 -3.10 -12.63 -8.46
N THR A 334 -4.07 -12.74 -9.36
CA THR A 334 -4.45 -11.59 -10.17
C THR A 334 -5.31 -10.63 -9.35
N GLU A 335 -5.46 -9.41 -9.87
CA GLU A 335 -6.34 -8.43 -9.26
C GLU A 335 -7.76 -8.98 -9.16
N PHE A 336 -8.22 -9.62 -10.23
CA PHE A 336 -9.52 -10.27 -10.20
C PHE A 336 -9.59 -11.28 -9.07
N GLN A 337 -8.57 -12.12 -8.94
CA GLN A 337 -8.58 -13.13 -7.89
C GLN A 337 -8.57 -12.54 -6.49
N ALA A 338 -7.84 -11.44 -6.31
CA ALA A 338 -7.75 -10.79 -5.00
C ALA A 338 -9.11 -10.20 -4.61
N VAL A 339 -9.78 -9.58 -5.55
CA VAL A 339 -11.08 -8.98 -5.26
C VAL A 339 -12.10 -10.09 -5.02
N LYS A 340 -11.97 -11.17 -5.78
CA LYS A 340 -12.85 -12.31 -5.63
C LYS A 340 -12.66 -12.98 -4.26
N GLU A 341 -11.42 -13.07 -3.78
CA GLU A 341 -11.18 -13.61 -2.45
C GLU A 341 -11.85 -12.76 -1.37
N MET A 342 -11.80 -11.44 -1.56
CA MET A 342 -12.45 -10.56 -0.61
C MET A 342 -13.95 -10.77 -0.72
N GLU A 343 -14.47 -10.78 -1.93
CA GLU A 343 -15.90 -10.99 -2.16
C GLU A 343 -16.42 -12.27 -1.48
N ASP A 344 -15.80 -13.41 -1.80
CA ASP A 344 -16.25 -14.70 -1.30
C ASP A 344 -16.10 -14.79 0.22
N GLY A 345 -15.01 -14.23 0.74
CA GLY A 345 -14.75 -14.25 2.16
C GLY A 345 -15.78 -13.45 2.94
N ILE A 346 -16.11 -12.26 2.44
CA ILE A 346 -17.08 -11.40 3.12
C ILE A 346 -18.49 -12.00 3.08
N LEU A 347 -18.85 -12.60 1.93
CA LEU A 347 -20.11 -13.33 1.81
C LEU A 347 -20.20 -14.41 2.87
N GLU A 348 -19.11 -15.13 3.07
CA GLU A 348 -19.09 -16.21 4.04
C GLU A 348 -19.10 -15.67 5.47
N LEU A 349 -18.37 -14.57 5.71
CA LEU A 349 -18.38 -13.96 7.03
C LEU A 349 -19.77 -13.46 7.43
N ILE A 350 -20.50 -12.91 6.47
CA ILE A 350 -21.86 -12.44 6.74
C ILE A 350 -22.80 -13.59 7.07
N LYS A 351 -22.68 -14.69 6.32
CA LYS A 351 -23.46 -15.89 6.63
C LYS A 351 -23.19 -16.39 8.05
N ILE A 352 -21.91 -16.40 8.43
CA ILE A 352 -21.52 -16.87 9.77
C ILE A 352 -22.14 -15.99 10.85
N GLU A 353 -22.07 -14.68 10.62
CA GLU A 353 -22.66 -13.69 11.51
C GLU A 353 -24.15 -13.94 11.70
N LYS A 354 -24.87 -14.10 10.59
CA LYS A 354 -26.31 -14.32 10.64
C LYS A 354 -26.68 -15.56 11.43
N GLU A 355 -25.85 -16.59 11.31
CA GLU A 355 -26.15 -17.90 11.88
C GLU A 355 -25.66 -18.11 13.32
N MET A 356 -24.84 -17.18 13.82
CA MET A 356 -24.30 -17.33 15.16
C MET A 356 -25.34 -17.13 16.27
N ARG B . 7.08 -0.18 7.95
CA ARG B . 5.97 -0.49 8.84
C ARG B . 6.20 -1.82 9.53
O ARG B . 5.45 -2.21 10.42
CB ARG B . 4.64 -0.53 8.09
CG ARG B . 4.68 -1.40 6.85
CD ARG B . 3.28 -1.73 6.34
NE ARG B . 2.45 -0.52 6.26
CZ ARG B . 2.51 0.35 5.26
NH1 ARG B . 3.36 0.15 4.25
NH2 ARG B . 1.70 1.41 5.29
OXT ARG B . 7.16 -2.53 9.18
C1 BME C . 19.69 8.79 -2.13
C2 BME C . 18.47 7.90 -2.34
O1 BME C . 19.94 8.94 -0.73
S2 BME C . 18.57 7.13 -3.99
#